data_3GP2
#
_entry.id   3GP2
#
_cell.length_a   69.599
_cell.length_b   38.409
_cell.length_c   75.012
_cell.angle_alpha   90.00
_cell.angle_beta   125.27
_cell.angle_gamma   90.00
#
_symmetry.space_group_name_H-M   'C 1 2 1'
#
loop_
_entity.id
_entity.type
_entity.pdbx_description
1 polymer Calmodulin
2 polymer 'Calcium/calmodulin-dependent protein kinase type II delta chain'
3 non-polymer 'CALCIUM ION'
4 water water
#
loop_
_entity_poly.entity_id
_entity_poly.type
_entity_poly.pdbx_seq_one_letter_code
_entity_poly.pdbx_strand_id
1 'polypeptide(L)'
;ADQLTEEQIAEFKEAFSLFDKDGDGTITTKELGTVMRSLGQNPTEAELQDMINEVDADGNGTIDFPEFLTMMARKMKDTD
SEEEIREAFRVFDKDGNGYISAAELRHVMTNLGEKLTDEEVDEMIREADIDGDGQVNYEEFVQMMTA
;
A
2 'polypeptide(L)' (ACE)SFNARRKLKGAILTTMLATA(NH2) B
#
# COMPACT_ATOMS: atom_id res chain seq x y z
N ASP A 2 -0.82 21.98 5.66
CA ASP A 2 -1.35 21.94 7.06
C ASP A 2 -1.19 20.58 7.78
N GLN A 3 -0.92 20.73 9.08
CA GLN A 3 -0.76 19.67 10.07
C GLN A 3 -1.06 18.25 9.64
N LEU A 4 -0.13 17.37 10.04
CA LEU A 4 -0.39 15.92 10.00
C LEU A 4 -1.64 15.66 10.83
N THR A 5 -2.58 14.88 10.29
CA THR A 5 -3.82 14.59 11.01
C THR A 5 -3.83 13.19 11.66
N GLU A 6 -4.73 13.00 12.62
CA GLU A 6 -4.89 11.73 13.30
C GLU A 6 -5.25 10.64 12.29
N GLU A 7 -6.13 10.96 11.37
CA GLU A 7 -6.50 9.96 10.34
C GLU A 7 -5.35 9.58 9.40
N GLN A 8 -4.54 10.57 9.01
CA GLN A 8 -3.37 10.28 8.22
C GLN A 8 -2.44 9.29 8.91
N ILE A 9 -2.25 9.55 10.21
CA ILE A 9 -1.43 8.64 11.01
C ILE A 9 -1.97 7.22 11.02
N ALA A 10 -3.29 7.08 11.15
CA ALA A 10 -3.92 5.78 11.20
C ALA A 10 -3.74 5.05 9.86
N GLU A 11 -3.79 5.79 8.74
CA GLU A 11 -3.59 5.24 7.40
C GLU A 11 -2.16 4.70 7.30
N PHE A 12 -1.19 5.50 7.75
CA PHE A 12 0.19 5.02 7.74
C PHE A 12 0.38 3.77 8.65
N LYS A 13 -0.29 3.77 9.80
CA LYS A 13 -0.19 2.68 10.72
C LYS A 13 -0.80 1.40 10.12
N GLU A 14 -1.88 1.55 9.38
CA GLU A 14 -2.48 0.42 8.69
C GLU A 14 -1.44 -0.15 7.67
N ALA A 15 -0.84 0.72 6.87
CA ALA A 15 0.19 0.25 5.91
C ALA A 15 1.34 -0.48 6.65
N PHE A 16 1.78 0.09 7.79
CA PHE A 16 2.87 -0.49 8.53
C PHE A 16 2.48 -1.90 9.01
N SER A 17 1.25 -2.03 9.49
CA SER A 17 0.73 -3.31 9.95
C SER A 17 0.64 -4.35 8.86
N LEU A 18 0.43 -3.96 7.59
CA LEU A 18 0.42 -4.99 6.53
C LEU A 18 1.79 -5.61 6.34
N PHE A 19 2.85 -4.84 6.59
CA PHE A 19 4.19 -5.39 6.59
C PHE A 19 4.51 -6.15 7.90
N ASP A 20 4.16 -5.54 9.04
CA ASP A 20 4.51 -6.01 10.38
C ASP A 20 3.50 -7.01 10.86
N LYS A 21 3.49 -8.15 10.21
CA LYS A 21 2.38 -9.08 10.39
C LYS A 21 2.38 -9.73 11.78
N ASP A 22 3.54 -9.70 12.44
CA ASP A 22 3.70 -10.35 13.77
C ASP A 22 3.50 -9.31 14.88
N GLY A 23 3.20 -8.10 14.43
CA GLY A 23 2.87 -6.93 15.27
C GLY A 23 3.88 -6.63 16.33
N ASP A 24 5.13 -6.95 16.07
CA ASP A 24 6.19 -6.64 17.03
C ASP A 24 6.79 -5.24 16.93
N GLY A 25 6.26 -4.43 15.99
CA GLY A 25 6.65 -3.04 15.87
C GLY A 25 7.85 -2.77 15.00
N THR A 26 8.38 -3.82 14.38
CA THR A 26 9.51 -3.63 13.48
C THR A 26 9.27 -4.43 12.20
N ILE A 27 9.73 -3.90 11.04
CA ILE A 27 9.61 -4.58 9.76
C ILE A 27 11.02 -5.07 9.45
N THR A 28 11.07 -6.36 9.30
CA THR A 28 12.28 -7.05 8.90
C THR A 28 12.43 -7.19 7.37
N THR A 29 13.61 -7.58 6.85
CA THR A 29 13.70 -7.88 5.41
C THR A 29 12.77 -9.04 5.04
N LYS A 30 12.61 -10.02 5.93
CA LYS A 30 11.72 -11.15 5.65
C LYS A 30 10.27 -10.65 5.47
N GLU A 31 9.84 -9.71 6.33
CA GLU A 31 8.49 -9.18 6.19
C GLU A 31 8.33 -8.32 4.91
N LEU A 32 9.33 -7.53 4.59
CA LEU A 32 9.31 -6.76 3.38
C LEU A 32 9.15 -7.66 2.15
N GLY A 33 9.96 -8.71 2.13
CA GLY A 33 9.91 -9.66 1.05
C GLY A 33 8.57 -10.35 0.91
N THR A 34 8.02 -10.74 2.05
CA THR A 34 6.73 -11.40 2.06
C THR A 34 5.62 -10.57 1.41
N VAL A 35 5.56 -9.31 1.81
CA VAL A 35 4.55 -8.43 1.24
C VAL A 35 4.81 -8.25 -0.28
N MET A 36 6.07 -8.00 -0.65
CA MET A 36 6.37 -7.71 -2.02
C MET A 36 6.02 -8.90 -2.91
N ARG A 37 6.40 -10.11 -2.51
CA ARG A 37 6.05 -11.28 -3.29
C ARG A 37 4.55 -11.50 -3.37
N SER A 38 3.85 -11.16 -2.31
CA SER A 38 2.36 -11.25 -2.31
C SER A 38 1.76 -10.35 -3.38
N LEU A 39 2.43 -9.27 -3.69
CA LEU A 39 2.03 -8.27 -4.66
C LEU A 39 2.67 -8.50 -6.07
N GLY A 40 3.25 -9.68 -6.24
CA GLY A 40 3.77 -10.17 -7.52
C GLY A 40 5.15 -9.73 -7.86
N GLN A 41 5.86 -9.16 -6.88
CA GLN A 41 7.21 -8.74 -7.07
C GLN A 41 8.16 -9.89 -6.69
N ASN A 42 9.44 -9.76 -7.04
CA ASN A 42 10.44 -10.80 -6.74
C ASN A 42 11.78 -10.18 -6.33
N PRO A 43 11.77 -9.40 -5.26
CA PRO A 43 13.01 -8.79 -4.87
C PRO A 43 14.08 -9.80 -4.45
N THR A 44 15.33 -9.47 -4.73
CA THR A 44 16.41 -10.32 -4.23
C THR A 44 16.72 -9.89 -2.77
N GLU A 45 17.42 -10.72 -2.02
CA GLU A 45 17.88 -10.43 -0.67
C GLU A 45 18.67 -9.15 -0.63
N ALA A 46 19.61 -8.96 -1.57
CA ALA A 46 20.43 -7.76 -1.57
C ALA A 46 19.57 -6.54 -1.86
N GLU A 47 18.54 -6.68 -2.69
CA GLU A 47 17.61 -5.56 -2.94
C GLU A 47 16.80 -5.19 -1.66
N LEU A 48 16.39 -6.18 -0.89
CA LEU A 48 15.67 -5.94 0.40
C LEU A 48 16.58 -5.23 1.39
N GLN A 49 17.84 -5.63 1.39
CA GLN A 49 18.84 -4.98 2.27
C GLN A 49 19.07 -3.58 1.87
N ASP A 50 19.07 -3.32 0.57
CA ASP A 50 19.31 -1.99 0.05
C ASP A 50 18.14 -1.08 0.53
N MET A 51 16.92 -1.61 0.44
CA MET A 51 15.71 -0.84 0.85
C MET A 51 15.84 -0.47 2.32
N ILE A 52 16.18 -1.38 3.15
CA ILE A 52 16.32 -1.12 4.59
C ILE A 52 17.46 -0.17 4.85
N ASN A 53 18.59 -0.37 4.18
CA ASN A 53 19.72 0.53 4.46
C ASN A 53 19.52 1.96 4.10
N GLU A 54 18.67 2.26 3.13
CA GLU A 54 18.38 3.62 2.71
C GLU A 54 17.73 4.44 3.84
N VAL A 55 17.05 3.77 4.75
CA VAL A 55 16.32 4.49 5.83
C VAL A 55 16.67 4.03 7.26
N ASP A 56 17.63 3.12 7.43
CA ASP A 56 17.95 2.55 8.72
C ASP A 56 18.86 3.44 9.54
N ALA A 57 18.25 4.50 10.03
CA ALA A 57 18.93 5.56 10.77
C ALA A 57 19.71 5.07 11.96
N ASP A 58 19.23 4.04 12.62
CA ASP A 58 19.83 3.57 13.86
C ASP A 58 20.71 2.37 13.65
N GLY A 59 20.78 1.94 12.38
CA GLY A 59 21.63 0.82 11.95
C GLY A 59 21.32 -0.56 12.51
N ASN A 60 20.10 -0.82 12.92
CA ASN A 60 19.79 -2.06 13.60
C ASN A 60 19.29 -3.14 12.65
N GLY A 61 19.28 -2.80 11.39
CA GLY A 61 18.93 -3.76 10.34
C GLY A 61 17.45 -4.02 10.09
N THR A 62 16.60 -3.35 10.85
CA THR A 62 15.17 -3.39 10.68
C THR A 62 14.57 -1.97 10.63
N ILE A 63 13.33 -1.95 10.20
CA ILE A 63 12.59 -0.70 10.01
C ILE A 63 11.58 -0.49 11.15
N ASP A 64 11.70 0.65 11.81
CA ASP A 64 10.71 1.07 12.79
C ASP A 64 9.77 2.05 12.19
N PHE A 65 8.82 2.55 12.99
CA PHE A 65 7.81 3.46 12.45
C PHE A 65 8.35 4.72 11.75
N PRO A 66 9.24 5.50 12.43
CA PRO A 66 9.73 6.69 11.77
C PRO A 66 10.48 6.41 10.48
N GLU A 67 11.21 5.31 10.50
CA GLU A 67 12.02 4.92 9.33
C GLU A 67 11.07 4.51 8.21
N PHE A 68 9.94 3.86 8.57
CA PHE A 68 8.93 3.45 7.60
C PHE A 68 8.28 4.71 6.99
N LEU A 69 7.97 5.69 7.86
CA LEU A 69 7.42 6.94 7.34
C LEU A 69 8.35 7.65 6.39
N THR A 70 9.63 7.58 6.68
CA THR A 70 10.66 8.16 5.81
C THR A 70 10.73 7.49 4.46
N MET A 71 10.64 6.14 4.49
CA MET A 71 10.53 5.38 3.23
C MET A 71 9.36 5.87 2.42
N MET A 72 8.20 6.00 3.05
CA MET A 72 6.99 6.48 2.38
C MET A 72 7.10 7.87 1.81
N ALA A 73 7.69 8.74 2.60
CA ALA A 73 7.81 10.14 2.21
C ALA A 73 8.69 10.28 0.98
N ARG A 74 9.75 9.51 0.94
CA ARG A 74 10.61 9.50 -0.28
C ARG A 74 9.83 8.96 -1.49
N LYS A 75 9.06 7.90 -1.27
CA LYS A 75 8.28 7.31 -2.39
C LYS A 75 7.28 8.29 -2.97
N MET A 76 6.58 8.96 -2.07
CA MET A 76 5.46 9.78 -2.44
C MET A 76 5.88 11.17 -2.93
N LYS A 77 7.17 11.49 -2.72
CA LYS A 77 7.76 12.81 -3.04
C LYS A 77 7.47 13.33 -4.48
N ASP A 78 7.93 12.56 -5.46
CA ASP A 78 7.99 13.07 -6.87
C ASP A 78 7.42 12.08 -7.86
N THR A 79 6.09 12.06 -8.01
CA THR A 79 5.40 10.94 -8.70
C THR A 79 4.83 11.33 -10.05
N ASP A 80 5.23 12.53 -10.49
CA ASP A 80 4.67 13.19 -11.71
C ASP A 80 4.93 12.41 -13.00
N SER A 81 5.95 11.55 -12.98
CA SER A 81 6.24 10.76 -14.20
C SER A 81 5.11 9.79 -14.41
N GLU A 82 4.42 9.53 -13.29
CA GLU A 82 3.31 8.54 -13.22
C GLU A 82 3.77 7.09 -13.30
N GLU A 83 5.09 6.92 -13.40
CA GLU A 83 5.60 5.58 -13.56
C GLU A 83 5.25 4.75 -12.35
N GLU A 84 5.45 5.32 -11.16
CA GLU A 84 5.29 4.52 -9.95
C GLU A 84 3.84 4.25 -9.63
N ILE A 85 3.03 5.28 -9.81
CA ILE A 85 1.57 5.16 -9.57
C ILE A 85 0.95 4.16 -10.49
N ARG A 86 1.34 4.23 -11.75
CA ARG A 86 0.83 3.28 -12.75
C ARG A 86 1.28 1.85 -12.44
N GLU A 87 2.47 1.68 -11.86
CA GLU A 87 2.93 0.35 -11.49
C GLU A 87 2.02 -0.18 -10.36
N ALA A 88 1.74 0.65 -9.37
CA ALA A 88 0.87 0.26 -8.25
C ALA A 88 -0.55 0.00 -8.75
N PHE A 89 -1.05 0.82 -9.67
CA PHE A 89 -2.41 0.59 -10.19
C PHE A 89 -2.48 -0.75 -10.88
N ARG A 90 -1.43 -1.11 -11.63
CA ARG A 90 -1.41 -2.40 -12.34
C ARG A 90 -1.41 -3.61 -11.48
N VAL A 91 -0.89 -3.47 -10.28
CA VAL A 91 -1.00 -4.53 -9.28
C VAL A 91 -2.46 -4.87 -9.04
N PHE A 92 -3.28 -3.83 -8.88
CA PHE A 92 -4.69 -4.03 -8.67
C PHE A 92 -5.46 -4.37 -9.97
N ASP A 93 -5.18 -3.63 -11.05
CA ASP A 93 -5.86 -3.83 -12.36
C ASP A 93 -5.17 -4.94 -13.14
N LYS A 94 -5.40 -6.16 -12.69
CA LYS A 94 -4.63 -7.31 -13.12
C LYS A 94 -4.88 -7.66 -14.60
N ASP A 95 -6.09 -7.41 -15.05
CA ASP A 95 -6.45 -7.69 -16.45
C ASP A 95 -6.18 -6.54 -17.39
N GLY A 96 -5.67 -5.46 -16.85
CA GLY A 96 -5.19 -4.33 -17.64
C GLY A 96 -6.27 -3.55 -18.37
N ASN A 97 -7.52 -3.66 -17.91
CA ASN A 97 -8.62 -3.08 -18.64
C ASN A 97 -8.90 -1.65 -18.23
N GLY A 98 -8.11 -1.09 -17.31
CA GLY A 98 -8.30 0.30 -16.89
C GLY A 98 -9.16 0.57 -15.66
N TYR A 99 -9.80 -0.48 -15.16
CA TYR A 99 -10.67 -0.39 -13.99
C TYR A 99 -10.34 -1.46 -13.03
N ILE A 100 -10.22 -1.06 -11.74
CA ILE A 100 -10.10 -2.00 -10.60
C ILE A 100 -11.53 -2.41 -10.22
N SER A 101 -11.84 -3.67 -10.46
CA SER A 101 -13.12 -4.25 -10.08
C SER A 101 -13.11 -4.67 -8.58
N ALA A 102 -14.30 -4.94 -8.09
CA ALA A 102 -14.41 -5.50 -6.74
C ALA A 102 -13.58 -6.81 -6.64
N ALA A 103 -13.74 -7.71 -7.63
CA ALA A 103 -13.00 -8.95 -7.63
C ALA A 103 -11.48 -8.73 -7.57
N GLU A 104 -11.00 -7.75 -8.34
CA GLU A 104 -9.59 -7.42 -8.35
C GLU A 104 -9.11 -6.88 -7.02
N LEU A 105 -9.93 -6.04 -6.38
CA LEU A 105 -9.55 -5.57 -5.07
C LEU A 105 -9.55 -6.71 -4.07
N ARG A 106 -10.56 -7.59 -4.16
CA ARG A 106 -10.53 -8.73 -3.24
C ARG A 106 -9.25 -9.61 -3.43
N HIS A 107 -8.80 -9.75 -4.66
CA HIS A 107 -7.57 -10.56 -5.00
C HIS A 107 -6.40 -9.93 -4.19
N VAL A 108 -6.22 -8.60 -4.33
CA VAL A 108 -5.08 -7.97 -3.69
C VAL A 108 -5.23 -8.07 -2.16
N MET A 109 -6.42 -7.78 -1.63
CA MET A 109 -6.55 -7.87 -0.16
C MET A 109 -6.32 -9.28 0.38
N THR A 110 -6.78 -10.29 -0.36
CA THR A 110 -6.50 -11.70 -0.03
C THR A 110 -4.98 -12.04 -0.03
N ASN A 111 -4.34 -11.53 -1.05
CA ASN A 111 -2.88 -11.69 -1.13
C ASN A 111 -2.14 -11.03 0.01
N LEU A 112 -2.68 -9.91 0.50
CA LEU A 112 -2.07 -9.18 1.61
C LEU A 112 -2.41 -9.82 2.96
N GLY A 113 -3.21 -10.88 2.95
CA GLY A 113 -3.56 -11.56 4.16
C GLY A 113 -4.76 -11.07 4.93
N GLU A 114 -5.56 -10.22 4.30
CA GLU A 114 -6.72 -9.58 4.95
C GLU A 114 -7.96 -10.33 4.65
N LYS A 115 -8.68 -10.68 5.69
CA LYS A 115 -9.97 -11.31 5.62
C LYS A 115 -11.00 -10.21 5.59
N LEU A 116 -11.73 -10.14 4.51
CA LEU A 116 -12.80 -9.13 4.34
C LEU A 116 -14.06 -9.73 3.74
N THR A 117 -15.21 -9.19 4.15
CA THR A 117 -16.49 -9.59 3.58
C THR A 117 -16.72 -8.85 2.27
N ASP A 118 -17.71 -9.33 1.52
CA ASP A 118 -18.12 -8.74 0.26
C ASP A 118 -18.51 -7.27 0.54
N GLU A 119 -19.26 -7.03 1.62
CA GLU A 119 -19.72 -5.69 2.07
C GLU A 119 -18.59 -4.75 2.42
N GLU A 120 -17.56 -5.29 3.09
CA GLU A 120 -16.37 -4.48 3.40
C GLU A 120 -15.65 -4.04 2.12
N VAL A 121 -15.41 -4.98 1.21
CA VAL A 121 -14.71 -4.64 0.01
C VAL A 121 -15.59 -3.64 -0.86
N ASP A 122 -16.91 -3.84 -0.88
CA ASP A 122 -17.77 -2.90 -1.59
C ASP A 122 -17.64 -1.49 -1.02
N GLU A 123 -17.51 -1.41 0.29
CA GLU A 123 -17.34 -0.11 0.96
C GLU A 123 -16.00 0.52 0.57
N MET A 124 -14.95 -0.28 0.48
CA MET A 124 -13.66 0.21 -0.09
C MET A 124 -13.80 0.77 -1.47
N ILE A 125 -14.50 0.04 -2.35
CA ILE A 125 -14.71 0.60 -3.69
C ILE A 125 -15.45 1.92 -3.64
N ARG A 126 -16.49 1.96 -2.81
CA ARG A 126 -17.30 3.16 -2.70
C ARG A 126 -16.44 4.37 -2.28
N GLU A 127 -15.47 4.13 -1.39
CA GLU A 127 -14.62 5.22 -0.93
C GLU A 127 -13.88 5.89 -2.11
N ALA A 128 -13.38 5.09 -3.03
CA ALA A 128 -12.58 5.60 -4.16
C ALA A 128 -13.42 6.00 -5.39
N ASP A 129 -14.65 5.50 -5.42
CA ASP A 129 -15.46 5.51 -6.66
C ASP A 129 -16.22 6.82 -6.84
N ILE A 130 -15.46 7.83 -7.23
CA ILE A 130 -16.01 9.15 -7.40
C ILE A 130 -17.14 9.18 -8.38
N ASP A 131 -16.99 8.50 -9.49
CA ASP A 131 -18.03 8.60 -10.54
C ASP A 131 -19.21 7.60 -10.39
N GLY A 132 -19.17 6.78 -9.37
CA GLY A 132 -20.28 5.90 -9.00
C GLY A 132 -20.52 4.67 -9.88
N ASP A 133 -19.58 4.37 -10.74
CA ASP A 133 -19.73 3.24 -11.65
C ASP A 133 -19.44 1.89 -11.12
N GLY A 134 -19.11 1.82 -9.83
CA GLY A 134 -18.81 0.57 -9.18
C GLY A 134 -17.45 -0.05 -9.37
N GLN A 135 -16.56 0.74 -9.94
CA GLN A 135 -15.18 0.28 -10.20
C GLN A 135 -14.23 1.52 -10.04
N VAL A 136 -12.93 1.29 -9.92
CA VAL A 136 -12.00 2.36 -9.61
C VAL A 136 -11.07 2.53 -10.82
N ASN A 137 -11.15 3.70 -11.42
CA ASN A 137 -10.27 4.00 -12.54
C ASN A 137 -8.97 4.65 -12.05
N TYR A 138 -8.13 4.96 -13.00
CA TYR A 138 -6.79 5.39 -12.70
C TYR A 138 -6.82 6.70 -11.94
N GLU A 139 -7.64 7.63 -12.40
CA GLU A 139 -7.73 8.95 -11.75
C GLU A 139 -8.32 8.89 -10.34
N GLU A 140 -9.24 7.95 -10.14
CA GLU A 140 -9.80 7.71 -8.85
C GLU A 140 -8.76 7.12 -7.91
N PHE A 141 -7.90 6.25 -8.46
CA PHE A 141 -6.83 5.65 -7.66
C PHE A 141 -5.84 6.72 -7.20
N VAL A 142 -5.51 7.64 -8.10
CA VAL A 142 -4.54 8.70 -7.85
C VAL A 142 -5.12 9.55 -6.73
N GLN A 143 -6.40 9.84 -6.86
CA GLN A 143 -7.06 10.73 -5.91
C GLN A 143 -7.15 10.14 -4.50
N MET A 144 -7.21 8.82 -4.43
CA MET A 144 -7.10 8.16 -3.12
C MET A 144 -5.80 8.46 -2.36
N MET A 145 -4.72 8.76 -3.06
CA MET A 145 -3.39 9.03 -2.43
C MET A 145 -3.29 10.52 -2.07
N THR A 146 -4.00 11.32 -2.85
CA THR A 146 -4.00 12.78 -2.80
C THR A 146 -5.20 13.18 -1.96
N ALA A 147 -6.30 13.46 -2.66
CA ALA A 147 -7.66 13.63 -2.08
C ALA A 147 -7.56 14.49 -0.83
N SER B 2 -15.54 0.56 14.27
CA SER B 2 -16.08 -0.11 13.09
C SER B 2 -15.03 -0.01 11.95
N PHE B 3 -14.93 -1.11 11.20
CA PHE B 3 -14.16 -1.13 9.96
C PHE B 3 -14.23 0.18 9.22
N ASN B 4 -13.05 0.75 8.93
CA ASN B 4 -12.95 1.98 8.20
C ASN B 4 -12.34 1.64 6.82
N ALA B 5 -13.23 1.62 5.83
CA ALA B 5 -12.88 1.21 4.47
C ALA B 5 -11.87 2.19 3.89
N ARG B 6 -11.94 3.45 4.26
CA ARG B 6 -11.06 4.47 3.63
C ARG B 6 -9.66 4.22 4.13
N ARG B 7 -9.56 3.97 5.43
CA ARG B 7 -8.23 3.67 6.00
C ARG B 7 -7.67 2.38 5.45
N LYS B 8 -8.53 1.39 5.31
CA LYS B 8 -8.09 0.09 4.81
C LYS B 8 -7.54 0.21 3.36
N LEU B 9 -8.30 0.86 2.49
CA LEU B 9 -7.88 1.01 1.09
C LEU B 9 -6.65 1.89 0.97
N LYS B 10 -6.61 3.00 1.71
CA LYS B 10 -5.42 3.86 1.70
C LYS B 10 -4.19 3.10 2.17
N GLY B 11 -4.33 2.35 3.28
CA GLY B 11 -3.19 1.57 3.80
C GLY B 11 -2.69 0.60 2.71
N ALA B 12 -3.63 -0.08 2.02
CA ALA B 12 -3.26 -1.07 0.96
C ALA B 12 -2.59 -0.39 -0.25
N ILE B 13 -3.08 0.77 -0.63
CA ILE B 13 -2.49 1.54 -1.73
C ILE B 13 -1.07 2.01 -1.38
N LEU B 14 -0.92 2.55 -0.18
CA LEU B 14 0.40 3.01 0.26
C LEU B 14 1.40 1.86 0.31
N THR B 15 0.96 0.69 0.80
CA THR B 15 1.78 -0.55 0.85
C THR B 15 2.21 -0.95 -0.57
N THR B 16 1.26 -0.93 -1.50
CA THR B 16 1.56 -1.28 -2.89
C THR B 16 2.54 -0.29 -3.56
N MET B 17 2.46 0.96 -3.19
CA MET B 17 3.38 1.95 -3.72
C MET B 17 4.78 1.66 -3.23
N LEU B 18 4.90 1.28 -1.97
CA LEU B 18 6.23 0.99 -1.44
C LEU B 18 6.80 -0.29 -2.04
N ALA B 19 5.90 -1.22 -2.34
CA ALA B 19 6.29 -2.52 -2.83
C ALA B 19 6.70 -2.44 -4.34
N THR B 20 6.46 -1.31 -5.03
CA THR B 20 6.93 -0.89 -6.45
C THR B 20 8.39 -0.46 -6.63
N ALA B 21 8.93 -0.70 -7.83
CA ALA B 21 10.35 -0.34 -8.18
C ALA B 21 10.69 1.15 -7.93
#